data_3MBU
#
_entry.id   3MBU
#
_cell.length_a   38.200
_cell.length_b   25.730
_cell.length_c   53.050
_cell.angle_alpha   90.00
_cell.angle_beta   105.33
_cell.angle_gamma   90.00
#
_symmetry.space_group_name_H-M   'P 1 2 1'
#
loop_
_entity.id
_entity.type
_entity.pdbx_description
1 polymer Bipyridine-PNA
2 non-polymer 1,2-ETHANEDIOL
3 non-polymer R-1,2-PROPANEDIOL
4 non-polymer 'CARBONATE ION'
5 non-polymer GLYCEROL
6 non-polymer S-1,2-PROPANEDIOL
7 water water
#
_entity_poly.entity_id   1
_entity_poly.type   'polypeptide(L)'
_entity_poly.pdbx_seq_one_letter_code
;(GPN)(GPN)(CPN)(APN)(KPN)(TPN)(GPN)(CPN)(CPN)K
;
_entity_poly.pdbx_strand_id   A,B,C,D
#
loop_
_chem_comp.id
_chem_comp.type
_chem_comp.name
_chem_comp.formula
APN peptide-like 2-AMINOETHYLGLYCINE-CARBONYLMETHYLENE-ADENINE 'C11 H16 N7 O3 1'
CO3 non-polymer 'CARBONATE ION' 'C O3 -2'
CPN peptide-like 2-AMINOETHYLGLYCINE-CARBONYLMETHYLENE-CYTOSINE 'C10 H16 N5 O4 1'
EDO non-polymer 1,2-ETHANEDIOL 'C2 H6 O2'
GOL non-polymer GLYCEROL 'C3 H8 O3'
GPN peptide-like 2-AMINOETHYLGLYCINE-CARBONYLMETHYLENE-GUANINE 'C11 H16 N7 O4 1'
KPN peptide-like N-(2-aminoethyl)-N-(2,2'-bipyridin-5-ylacetyl)glycine 'C16 H18 N4 O3'
PGO non-polymer S-1,2-PROPANEDIOL 'C3 H8 O2'
PGR non-polymer R-1,2-PROPANEDIOL 'C3 H8 O2'
TPN peptide-like 2-AMINOETHYLGLYCINE-CARBONYLMETHYLENE-THYMINE 'C11 H17 N4 O5 1'
#
# COMPACT_ATOMS: atom_id res chain seq x y z
C8' GPN A 1 -30.85 11.45 14.40
C7' GPN A 1 -29.95 11.68 13.16
O7' GPN A 1 -28.91 11.07 13.02
C5' GPN A 1 -29.55 12.65 11.02
C GPN A 1 -28.40 13.63 11.06
O GPN A 1 -27.74 13.81 10.03
N4' GPN A 1 -30.37 12.54 12.25
C3' GPN A 1 -31.56 13.39 12.39
C2' GPN A 1 -32.57 13.34 11.27
N GPN A 1 -33.03 11.95 11.12
N9 GPN A 1 -30.22 10.43 15.25
C8 GPN A 1 -30.58 9.17 15.32
N7 GPN A 1 -29.80 8.46 16.14
C5 GPN A 1 -28.89 9.36 16.60
C6 GPN A 1 -27.85 9.22 17.53
O6 GPN A 1 -27.46 8.17 18.07
N1 GPN A 1 -27.17 10.40 17.74
C2 GPN A 1 -27.51 11.62 17.22
N2 GPN A 1 -26.75 12.65 17.52
N3 GPN A 1 -28.51 11.76 16.36
C4 GPN A 1 -29.16 10.59 16.08
C8' GPN A 2 -25.99 12.13 14.25
C7' GPN A 2 -25.05 12.50 13.09
O7' GPN A 2 -24.26 11.69 12.65
C5' GPN A 2 -24.36 14.03 11.36
C GPN A 2 -23.08 14.81 11.61
O GPN A 2 -22.40 15.13 10.63
N4' GPN A 2 -25.15 13.73 12.57
C3' GPN A 2 -25.94 14.86 13.13
C2' GPN A 2 -27.12 15.29 12.34
N GPN A 2 -28.15 14.25 12.20
N9 GPN A 2 -25.64 10.81 14.76
C8 GPN A 2 -26.27 9.67 14.49
N7 GPN A 2 -25.70 8.62 15.06
C5 GPN A 2 -24.63 9.14 15.74
C6 GPN A 2 -23.64 8.56 16.53
O6 GPN A 2 -23.48 7.35 16.83
N1 GPN A 2 -22.73 9.49 17.06
C2 GPN A 2 -22.78 10.84 16.83
N2 GPN A 2 -21.83 11.57 17.37
N3 GPN A 2 -23.70 11.39 16.04
C4 GPN A 2 -24.60 10.52 15.54
C8' CPN A 3 -20.75 12.47 14.17
C7' CPN A 3 -19.89 13.01 13.02
O7' CPN A 3 -19.29 12.25 12.29
C5' CPN A 3 -19.11 14.88 11.68
C CPN A 3 -17.69 15.30 11.89
O CPN A 3 -17.08 15.83 10.92
N4' CPN A 3 -19.82 14.34 12.85
C3' CPN A 3 -20.39 15.34 13.73
C2' CPN A 3 -21.62 16.01 13.14
N CPN A 3 -22.73 15.12 12.84
N1 CPN A 3 -20.60 11.02 14.31
C2 CPN A 3 -19.59 10.51 15.10
N3 CPN A 3 -19.56 9.14 15.31
C4 CPN A 3 -20.49 8.33 14.72
C5 CPN A 3 -21.47 8.85 13.85
C6 CPN A 3 -21.54 10.21 13.70
O2 CPN A 3 -18.72 11.22 15.57
N4 CPN A 3 -20.45 7.04 14.98
C8' APN A 4 -16.06 11.67 13.60
C7' APN A 4 -14.85 12.13 12.79
O7' APN A 4 -14.33 11.37 11.98
C5' APN A 4 -13.21 13.88 12.23
C APN A 4 -11.95 13.81 13.08
O APN A 4 -11.96 13.27 14.19
N4' APN A 4 -14.43 13.39 12.98
C3' APN A 4 -14.93 14.34 13.97
C2' APN A 4 -15.74 15.49 13.36
N APN A 4 -17.10 15.01 13.05
N9 APN A 4 -16.42 10.30 13.41
C8 APN A 4 -17.36 9.83 12.61
N7 APN A 4 -17.48 8.50 12.69
C5 APN A 4 -16.50 8.09 13.54
C6 APN A 4 -16.14 6.86 14.13
N6 APN A 4 -16.75 5.67 13.93
N1 APN A 4 -15.11 6.86 14.99
C2 APN A 4 -14.48 8.00 15.26
N3 APN A 4 -14.77 9.21 14.82
C4 APN A 4 -15.80 9.22 13.96
C KPN A 5 -8.40 10.88 15.65
C1 KPN A 5 -10.24 9.31 9.88
N1 KPN A 5 -9.73 8.28 9.25
C2 KPN A 5 -9.49 10.22 10.61
N2 KPN A 5 -6.63 6.63 8.61
C3 KPN A 5 -8.11 9.97 10.64
C4 KPN A 5 -7.57 8.90 9.91
C5 KPN A 5 -8.43 8.04 9.23
C6 KPN A 5 -7.92 6.97 8.50
C7 KPN A 5 -8.79 6.28 7.67
C8 KPN A 5 -8.32 5.17 6.96
C9 KPN A 5 -6.95 4.91 7.08
N KPN A 5 -10.88 14.37 12.52
O KPN A 5 -8.67 10.24 16.70
C10 KPN A 5 -6.11 5.61 7.93
C2' KPN A 5 -9.62 14.58 13.23
C3' KPN A 5 -8.62 13.46 13.03
N4' KPN A 5 -9.13 12.18 13.55
C5' KPN A 5 -9.19 11.99 15.01
C7' KPN A 5 -9.75 11.24 12.83
O7' KPN A 5 -10.14 10.22 13.43
C8' KPN A 5 -10.13 11.40 11.35
C8' TPN A 6 -9.96 7.22 14.64
C7' TPN A 6 -8.72 7.07 13.79
O7' TPN A 6 -8.77 6.62 12.65
C5' TPN A 6 -6.39 7.31 13.46
C TPN A 6 -5.92 5.85 13.47
O TPN A 6 -6.13 5.07 14.43
N4' TPN A 6 -7.57 7.48 14.34
C3' TPN A 6 -7.33 7.95 15.68
C2' TPN A 6 -6.65 9.32 15.76
N TPN A 6 -7.37 10.42 14.99
N1 TPN A 6 -11.11 6.76 13.85
C6 TPN A 6 -11.85 7.61 13.02
C2 TPN A 6 -11.46 5.39 13.91
O2 TPN A 6 -10.81 4.59 14.54
N3 TPN A 6 -12.56 4.99 13.21
C4 TPN A 6 -13.31 5.81 12.35
O4 TPN A 6 -14.26 5.31 11.76
C5 TPN A 6 -12.89 7.16 12.25
C5M TPN A 6 -13.63 8.11 11.35
C8' GPN A 7 -8.26 3.57 11.73
C7' GPN A 7 -7.34 3.06 10.60
O7' GPN A 7 -7.80 2.80 9.49
C5' GPN A 7 -5.14 2.52 9.74
C GPN A 7 -4.89 1.03 9.62
O GPN A 7 -4.03 0.62 8.80
N4' GPN A 7 -6.03 2.92 10.85
C3' GPN A 7 -5.43 3.02 12.16
C2' GPN A 7 -4.50 4.23 12.35
N GPN A 7 -5.22 5.51 12.40
N9 GPN A 7 -9.60 3.63 11.19
C8 GPN A 7 -10.22 4.69 10.66
N7 GPN A 7 -11.41 4.42 10.15
C5 GPN A 7 -11.59 3.08 10.47
C6 GPN A 7 -12.62 2.20 10.15
O6 GPN A 7 -13.69 2.42 9.60
N1 GPN A 7 -12.40 0.88 10.59
C2 GPN A 7 -11.23 0.48 11.25
N2 GPN A 7 -11.14 -0.83 11.53
N3 GPN A 7 -10.25 1.32 11.53
C4 GPN A 7 -10.46 2.61 11.14
C8' CPN A 8 -8.96 -0.29 8.82
C7' CPN A 8 -8.05 -1.05 7.84
O7' CPN A 8 -8.30 -0.96 6.62
C5' CPN A 8 -6.04 -2.26 7.32
C CPN A 8 -6.18 -3.71 7.01
O CPN A 8 -5.36 -4.22 6.21
N4' CPN A 8 -6.97 -1.69 8.30
C3' CPN A 8 -6.69 -1.96 9.71
C2' CPN A 8 -5.50 -1.26 10.26
N CPN A 8 -5.63 0.20 10.29
N1 CPN A 8 -10.14 0.24 8.18
C2 CPN A 8 -11.14 -0.66 7.85
N3 CPN A 8 -12.25 -0.21 7.19
C4 CPN A 8 -12.30 1.09 6.83
C5 CPN A 8 -11.27 1.99 7.11
C6 CPN A 8 -10.20 1.55 7.77
O2 CPN A 8 -11.01 -1.85 8.15
N4 CPN A 8 -13.40 1.48 6.20
C8' CPN A 9 -10.12 -4.25 5.61
C7' CPN A 9 -9.18 -5.02 4.72
O7' CPN A 9 -9.16 -4.82 3.51
C5' CPN A 9 -7.51 -6.77 4.51
C CPN A 9 -8.37 -7.96 3.89
O CPN A 9 -9.36 -8.40 4.49
N4' CPN A 9 -8.37 -5.93 5.31
C3' CPN A 9 -8.41 -6.33 6.71
C2' CPN A 9 -7.23 -5.86 7.52
N CPN A 9 -7.10 -4.41 7.62
N1 CPN A 9 -10.99 -3.35 4.83
C2 CPN A 9 -12.14 -3.93 4.27
N3 CPN A 9 -12.98 -3.11 3.57
C4 CPN A 9 -12.71 -1.77 3.44
C5 CPN A 9 -11.55 -1.22 3.98
C6 CPN A 9 -10.69 -2.03 4.64
O2 CPN A 9 -12.35 -5.13 4.37
N4 CPN A 9 -13.58 -1.05 2.78
N LYS A 10 -7.71 -8.67 2.99
CA LYS A 10 -8.28 -9.89 2.41
C LYS A 10 -8.05 -11.02 3.39
C8' GPN B 1 -10.21 0.32 -12.41
C7' GPN B 1 -10.78 0.32 -10.97
O7' GPN B 1 -10.55 1.21 -10.18
C5' GPN B 1 -12.12 -0.69 -9.27
C GPN B 1 -11.29 -1.19 -8.11
O GPN B 1 -11.75 -1.14 -6.96
N4' GPN B 1 -11.52 -0.75 -10.60
C3' GPN B 1 -11.77 -1.91 -11.41
C2' GPN B 1 -13.20 -2.22 -11.74
N GPN B 1 -13.80 -1.18 -12.50
N9 GPN B 1 -9.51 1.62 -12.58
C8 GPN B 1 -10.00 2.72 -13.19
N7 GPN B 1 -9.15 3.72 -13.13
C5 GPN B 1 -8.08 3.24 -12.44
C6 GPN B 1 -6.89 3.88 -12.04
O6 GPN B 1 -6.55 5.03 -12.21
N1 GPN B 1 -6.02 2.98 -11.40
C2 GPN B 1 -6.29 1.67 -11.12
N2 GPN B 1 -5.35 0.99 -10.45
N3 GPN B 1 -7.43 1.10 -11.44
C4 GPN B 1 -8.28 1.91 -12.11
C8' GPN B 2 -7.88 1.18 -8.12
C7' GPN B 2 -8.28 0.98 -6.66
O7' GPN B 2 -8.47 1.97 -5.96
C5' GPN B 2 -8.97 -0.47 -4.83
C GPN B 2 -7.94 -0.70 -3.76
O GPN B 2 -8.35 -0.97 -2.62
N4' GPN B 2 -8.44 -0.25 -6.18
C3' GPN B 2 -8.06 -1.48 -6.93
C2' GPN B 2 -9.25 -2.34 -7.37
N GPN B 2 -10.09 -1.66 -8.37
N9 GPN B 2 -7.68 2.59 -8.41
C8 GPN B 2 -8.54 3.41 -9.05
N7 GPN B 2 -8.12 4.64 -9.10
C5 GPN B 2 -6.90 4.63 -8.49
C6 GPN B 2 -5.95 5.62 -8.28
O6 GPN B 2 -6.02 6.83 -8.58
N1 GPN B 2 -4.81 5.16 -7.61
C2 GPN B 2 -4.60 3.86 -7.23
N2 GPN B 2 -3.46 3.57 -6.61
N3 GPN B 2 -5.52 2.89 -7.41
C4 GPN B 2 -6.62 3.33 -8.07
C8' CPN B 3 -5.39 2.80 -3.87
C7' CPN B 3 -5.73 2.46 -2.42
O7' CPN B 3 -6.23 3.29 -1.68
C5' CPN B 3 -5.84 0.88 -0.60
C CPN B 3 -4.77 1.15 0.45
O CPN B 3 -5.06 0.83 1.63
N4' CPN B 3 -5.44 1.23 -1.98
C3' CPN B 3 -4.72 0.20 -2.76
C2' CPN B 3 -5.59 -0.96 -3.15
N CPN B 3 -6.65 -0.58 -4.07
N1 CPN B 3 -5.67 4.19 -4.16
C2 CPN B 3 -4.72 5.15 -3.89
N3 CPN B 3 -4.94 6.44 -4.27
C4 CPN B 3 -6.12 6.78 -4.87
C5 CPN B 3 -7.12 5.83 -5.10
C6 CPN B 3 -6.88 4.54 -4.74
O2 CPN B 3 -3.68 4.84 -3.32
N4 CPN B 3 -6.30 8.05 -5.20
C8' APN B 4 -3.79 5.15 0.01
C7' APN B 4 -3.75 4.93 1.50
O7' APN B 4 -4.44 5.66 2.21
C5' APN B 4 -2.95 3.78 3.40
C APN B 4 -1.68 4.46 3.98
O APN B 4 -0.92 5.17 3.36
N4' APN B 4 -2.93 3.99 1.97
C3' APN B 4 -1.99 3.16 1.20
C2' APN B 4 -2.48 1.73 1.04
N APN B 4 -3.58 1.61 0.06
N9 APN B 4 -4.54 6.29 -0.46
C8 APN B 4 -5.80 6.27 -0.86
N7 APN B 4 -6.15 7.46 -1.28
C5 APN B 4 -5.11 8.28 -1.05
C6 APN B 4 -4.88 9.61 -1.36
N6 APN B 4 -5.74 10.43 -1.95
N1 APN B 4 -3.68 10.12 -1.00
C2 APN B 4 -2.78 9.40 -0.37
N3 APN B 4 -2.92 8.10 -0.09
C4 APN B 4 -4.10 7.55 -0.49
C KPN B 5 1.07 8.89 4.86
C1 KPN B 5 -5.42 8.11 5.74
N1 KPN B 5 -6.32 9.02 6.10
C2 KPN B 5 -4.09 8.19 6.16
N2 KPN B 5 -6.62 12.14 7.94
C3 KPN B 5 -3.72 9.26 6.95
C4 KPN B 5 -4.71 10.19 7.34
C5 KPN B 5 -6.01 10.07 6.88
C6 KPN B 5 -6.96 11.03 7.29
C7 KPN B 5 -8.30 10.87 6.95
C8 KPN B 5 -9.23 11.76 7.44
C9 KPN B 5 -8.82 12.94 8.10
N KPN B 5 -1.48 4.13 5.24
O KPN B 5 1.65 9.50 3.94
C10 KPN B 5 -7.47 13.04 8.44
C2' KPN B 5 -0.26 4.66 5.89
C3' KPN B 5 -0.42 6.00 6.61
N4' KPN B 5 -0.63 7.12 5.67
C5' KPN B 5 0.55 7.48 4.86
C7' KPN B 5 -1.79 7.64 5.26
O7' KPN B 5 -1.81 8.52 4.40
C8' KPN B 5 -3.14 7.06 5.66
C8' TPN B 6 -1.60 11.64 3.40
C7' TPN B 6 -1.84 12.05 4.86
O7' TPN B 6 -2.96 12.32 5.29
C5' TPN B 6 -0.95 12.54 7.02
C TPN B 6 -1.14 14.07 7.05
O TPN B 6 -0.61 14.85 6.26
N4' TPN B 6 -0.73 12.12 5.62
C3' TPN B 6 0.63 11.98 5.15
C2' TPN B 6 1.46 10.96 5.91
N TPN B 6 0.87 9.57 5.98
N1 TPN B 6 -2.94 11.56 2.77
C6 TPN B 6 -3.73 10.43 2.80
C2 TPN B 6 -3.43 12.73 2.15
O2 TPN B 6 -2.80 13.79 2.20
N3 TPN B 6 -4.67 12.65 1.56
C4 TPN B 6 -5.44 11.50 1.52
O4 TPN B 6 -6.49 11.63 0.93
C5 TPN B 6 -4.99 10.39 2.23
C5M TPN B 6 -5.82 9.12 2.27
C8' GPN B 7 -4.36 15.18 5.53
C7' GPN B 7 -5.01 15.84 6.78
O7' GPN B 7 -6.23 15.75 6.90
C5' GPN B 7 -4.88 16.95 8.92
C GPN B 7 -5.28 18.41 8.87
O GPN B 7 -5.66 18.97 9.91
N4' GPN B 7 -4.23 16.43 7.70
C3' GPN B 7 -2.81 16.70 7.56
C2' GPN B 7 -1.89 15.89 8.44
N GPN B 7 -1.88 14.49 8.10
N9 GPN B 7 -5.42 14.61 4.71
C8 GPN B 7 -5.81 13.34 4.71
N7 GPN B 7 -6.85 13.15 3.90
C5 GPN B 7 -7.06 14.38 3.32
C6 GPN B 7 -8.02 14.82 2.40
O6 GPN B 7 -8.90 14.18 1.85
N1 GPN B 7 -7.92 16.18 2.11
C2 GPN B 7 -6.98 17.05 2.65
N2 GPN B 7 -7.06 18.33 2.32
N3 GPN B 7 -6.05 16.63 3.49
C4 GPN B 7 -6.12 15.30 3.80
C8' CPN B 8 -8.11 18.32 5.62
C7' CPN B 8 -8.73 19.15 6.72
O7' CPN B 8 -9.83 18.85 7.18
C5' CPN B 8 -8.55 20.83 8.40
C CPN B 8 -9.32 22.10 8.20
O CPN B 8 -9.79 22.72 9.19
N4' CPN B 8 -8.00 20.18 7.24
C3' CPN B 8 -6.76 20.71 6.68
C2' CPN B 8 -5.53 20.44 7.55
N CPN B 8 -5.24 19.01 7.69
N1 CPN B 8 -9.08 17.35 5.08
C2 CPN B 8 -10.08 17.84 4.23
N3 CPN B 8 -10.98 16.96 3.75
C4 CPN B 8 -11.00 15.68 4.15
C5 CPN B 8 -10.05 15.18 5.05
C6 CPN B 8 -9.09 16.05 5.50
O2 CPN B 8 -10.08 19.05 3.94
N4 CPN B 8 -11.92 14.87 3.64
C8' CPN B 9 -12.41 21.17 5.48
C7' CPN B 9 -12.95 22.04 6.59
O7' CPN B 9 -13.89 21.65 7.29
C5' CPN B 9 -12.92 24.12 7.84
C CPN B 9 -14.15 24.88 7.31
O CPN B 9 -14.33 25.05 6.10
N4' CPN B 9 -12.35 23.21 6.83
C3' CPN B 9 -11.32 23.80 5.96
C2' CPN B 9 -10.00 23.90 6.68
N CPN B 9 -9.41 22.61 6.97
N1 CPN B 9 -13.19 19.93 5.35
C2 CPN B 9 -14.36 20.01 4.59
N3 CPN B 9 -15.10 18.86 4.43
C4 CPN B 9 -14.74 17.69 5.06
C5 CPN B 9 -13.57 17.65 5.86
C6 CPN B 9 -12.84 18.77 6.03
O2 CPN B 9 -14.72 21.07 4.12
N4 CPN B 9 -15.44 16.64 4.82
N LYS B 10 -14.93 25.46 8.22
CA LYS B 10 -16.00 26.36 7.77
C LYS B 10 -15.52 27.72 7.31
C8' GPN C 1 31.94 -11.16 -14.52
C7' GPN C 1 31.11 -11.38 -13.26
O7' GPN C 1 30.06 -10.76 -13.11
C5' GPN C 1 30.80 -12.48 -11.11
C GPN C 1 29.67 -13.44 -11.15
O GPN C 1 29.04 -13.73 -10.14
N4' GPN C 1 31.55 -12.29 -12.35
C3' GPN C 1 32.73 -13.12 -12.55
C2' GPN C 1 33.84 -12.94 -11.56
N GPN C 1 34.24 -11.58 -11.28
N9 GPN C 1 31.35 -10.08 -15.30
C8 GPN C 1 31.72 -8.77 -15.34
N7 GPN C 1 30.92 -8.03 -16.08
C5 GPN C 1 30.01 -8.91 -16.61
C6 GPN C 1 28.92 -8.74 -17.47
O6 GPN C 1 28.49 -7.67 -17.96
N1 GPN C 1 28.27 -9.94 -17.77
C2 GPN C 1 28.61 -11.16 -17.25
N2 GPN C 1 27.86 -12.22 -17.64
N3 GPN C 1 29.62 -11.32 -16.41
C4 GPN C 1 30.29 -10.19 -16.14
C8' GPN C 2 27.14 -11.90 -14.34
C7' GPN C 2 26.24 -12.32 -13.18
O7' GPN C 2 25.42 -11.52 -12.71
C5' GPN C 2 25.61 -13.92 -11.48
C GPN C 2 24.31 -14.66 -11.73
O GPN C 2 23.63 -15.03 -10.76
N4' GPN C 2 26.36 -13.56 -12.68
C3' GPN C 2 27.19 -14.62 -13.26
C2' GPN C 2 28.40 -15.07 -12.47
N GPN C 2 29.39 -14.00 -12.32
N9 GPN C 2 26.77 -10.55 -14.77
C8 GPN C 2 27.38 -9.40 -14.45
N7 GPN C 2 26.75 -8.35 -14.98
C5 GPN C 2 25.68 -8.88 -15.66
C6 GPN C 2 24.66 -8.28 -16.42
O6 GPN C 2 24.45 -7.07 -16.59
N1 GPN C 2 23.73 -9.18 -16.93
C2 GPN C 2 23.84 -10.55 -16.77
N2 GPN C 2 22.89 -11.31 -17.34
N3 GPN C 2 24.80 -11.15 -16.07
C4 GPN C 2 25.71 -10.28 -15.54
C8' CPN C 3 21.92 -12.35 -14.14
C7' CPN C 3 21.09 -12.95 -13.04
O7' CPN C 3 20.52 -12.22 -12.22
C5' CPN C 3 20.34 -14.87 -11.80
C CPN C 3 18.88 -15.27 -12.01
O CPN C 3 18.30 -15.84 -11.04
N4' CPN C 3 21.02 -14.29 -12.94
C3' CPN C 3 21.67 -15.23 -13.87
C2' CPN C 3 22.90 -15.91 -13.29
N CPN C 3 23.96 -14.99 -12.97
N1 CPN C 3 21.77 -10.91 -14.20
C2 CPN C 3 20.71 -10.35 -14.92
N3 CPN C 3 20.66 -8.98 -15.05
C4 CPN C 3 21.58 -8.18 -14.44
C5 CPN C 3 22.59 -8.74 -13.66
C6 CPN C 3 22.69 -10.11 -13.57
O2 CPN C 3 19.86 -11.10 -15.39
N4 CPN C 3 21.45 -6.89 -14.58
C8' APN C 4 17.29 -11.57 -13.37
C7' APN C 4 16.12 -12.08 -12.57
O7' APN C 4 15.62 -11.37 -11.69
C5' APN C 4 14.52 -13.81 -12.05
C APN C 4 13.23 -13.78 -12.85
O APN C 4 13.09 -13.17 -13.88
N4' APN C 4 15.66 -13.32 -12.85
C3' APN C 4 16.08 -14.18 -13.93
C2' APN C 4 16.95 -15.33 -13.52
N APN C 4 18.31 -14.92 -13.13
N9 APN C 4 17.66 -10.18 -13.09
C8 APN C 4 18.62 -9.78 -12.30
N7 APN C 4 18.74 -8.43 -12.32
C5 APN C 4 17.74 -8.02 -13.15
C6 APN C 4 17.39 -6.74 -13.61
N6 APN C 4 18.02 -5.60 -13.30
N1 APN C 4 16.28 -6.69 -14.42
C2 APN C 4 15.62 -7.77 -14.74
N3 APN C 4 15.94 -9.02 -14.38
C4 APN C 4 17.02 -9.11 -13.59
C KPN C 5 9.00 -10.73 -14.46
C1 KPN C 5 11.53 -9.12 -9.26
N1 KPN C 5 10.91 -8.13 -8.64
C2 KPN C 5 10.84 -10.04 -10.05
N2 KPN C 5 7.68 -6.65 -8.16
C3 KPN C 5 9.46 -9.90 -10.19
C4 KPN C 5 8.81 -8.87 -9.48
C5 KPN C 5 9.56 -8.01 -8.68
C6 KPN C 5 8.96 -7.01 -7.95
C7 KPN C 5 9.72 -6.34 -6.99
C8 KPN C 5 9.10 -5.33 -6.27
C9 KPN C 5 7.76 -5.03 -6.44
N KPN C 5 12.18 -14.32 -12.24
O KPN C 5 8.03 -10.60 -13.68
C10 KPN C 5 7.04 -5.74 -7.42
C2' KPN C 5 10.86 -14.41 -12.80
C3' KPN C 5 9.90 -13.33 -12.29
N4' KPN C 5 10.29 -12.03 -12.87
C5' KPN C 5 10.03 -11.85 -14.32
C7' KPN C 5 11.04 -11.11 -12.27
O7' KPN C 5 11.42 -10.14 -12.97
C8' KPN C 5 11.53 -11.17 -10.82
C8' TPN C 6 11.26 -7.09 -14.09
C7' TPN C 6 9.92 -6.99 -13.40
O7' TPN C 6 9.85 -6.64 -12.22
C5' TPN C 6 7.54 -7.24 -13.35
C TPN C 6 7.04 -5.80 -13.29
O TPN C 6 7.30 -4.98 -14.17
N4' TPN C 6 8.82 -7.31 -14.07
C3' TPN C 6 8.78 -7.51 -15.54
C2' TPN C 6 8.28 -8.91 -15.89
N TPN C 6 9.23 -9.93 -15.44
N1 TPN C 6 12.35 -6.68 -13.25
C6 TPN C 6 13.06 -7.53 -12.42
C2 TPN C 6 12.60 -5.30 -13.22
O2 TPN C 6 11.96 -4.47 -13.84
N3 TPN C 6 13.70 -4.95 -12.47
C4 TPN C 6 14.51 -5.76 -11.72
O4 TPN C 6 15.44 -5.27 -11.08
C5 TPN C 6 14.13 -7.12 -11.67
C5M TPN C 6 14.91 -8.11 -10.81
C8' GPN C 7 9.17 -3.59 -11.22
C7' GPN C 7 8.17 -3.19 -10.12
O7' GPN C 7 8.57 -3.00 -8.98
C5' GPN C 7 5.90 -2.86 -9.34
C GPN C 7 5.62 -1.39 -9.03
O GPN C 7 4.74 -1.11 -8.21
N4' GPN C 7 6.86 -3.07 -10.44
C3' GPN C 7 6.34 -3.08 -11.80
C2' GPN C 7 5.50 -4.28 -12.14
N GPN C 7 6.26 -5.53 -12.25
N9 GPN C 7 10.50 -3.64 -10.65
C8 GPN C 7 11.13 -4.72 -10.18
N7 GPN C 7 12.30 -4.41 -9.62
C5 GPN C 7 12.45 -3.07 -9.85
C6 GPN C 7 13.47 -2.15 -9.50
O6 GPN C 7 14.53 -2.38 -8.93
N1 GPN C 7 13.18 -0.84 -9.85
C2 GPN C 7 12.02 -0.44 -10.49
N2 GPN C 7 11.88 0.86 -10.70
N3 GPN C 7 11.07 -1.29 -10.84
C4 GPN C 7 11.32 -2.58 -10.50
C8' CPN C 8 9.66 0.09 -8.05
C7' CPN C 8 8.77 0.76 -7.05
O7' CPN C 8 9.02 0.65 -5.84
C5' CPN C 8 6.72 1.90 -6.46
C CPN C 8 6.83 3.38 -6.06
O CPN C 8 6.01 3.85 -5.28
N4' CPN C 8 7.67 1.42 -7.45
C3' CPN C 8 7.33 1.72 -8.85
C2' CPN C 8 6.16 0.95 -9.41
N CPN C 8 6.40 -0.45 -9.56
N1 CPN C 8 10.85 -0.42 -7.43
C2 CPN C 8 11.85 0.51 -7.05
N3 CPN C 8 12.96 0.03 -6.43
C4 CPN C 8 13.07 -1.30 -6.12
C5 CPN C 8 12.08 -2.23 -6.45
C6 CPN C 8 10.97 -1.75 -7.10
O2 CPN C 8 11.69 1.70 -7.30
N4 CPN C 8 14.19 -1.67 -5.50
C8' CPN C 9 10.80 3.87 -4.54
C7' CPN C 9 9.69 4.41 -3.65
O7' CPN C 9 9.57 3.99 -2.48
C5' CPN C 9 7.73 5.76 -3.34
C CPN C 9 8.16 6.74 -2.27
O CPN C 9 9.24 7.35 -2.32
N4' CPN C 9 8.84 5.30 -4.16
C3' CPN C 9 8.98 5.95 -5.47
C2' CPN C 9 7.87 5.56 -6.42
N CPN C 9 7.77 4.11 -6.64
N1 CPN C 9 11.69 2.97 -3.81
C2 CPN C 9 12.77 3.58 -3.14
N3 CPN C 9 13.68 2.73 -2.50
C4 CPN C 9 13.51 1.38 -2.52
C5 CPN C 9 12.37 0.80 -3.11
C6 CPN C 9 11.49 1.62 -3.73
O2 CPN C 9 12.86 4.80 -3.11
N4 CPN C 9 14.44 0.63 -1.96
N LYS C 10 7.29 6.90 -1.28
CA LYS C 10 7.47 7.81 -0.19
C LYS C 10 8.42 7.25 0.85
C8' GPN D 1 10.67 -0.47 13.54
C7' GPN D 1 11.28 -0.38 12.16
O7' GPN D 1 11.05 -1.28 11.34
C5' GPN D 1 12.61 0.69 10.46
C GPN D 1 11.71 1.17 9.33
O GPN D 1 12.17 1.16 8.19
N4' GPN D 1 12.00 0.70 11.80
C3' GPN D 1 12.20 1.88 12.67
C2' GPN D 1 13.62 2.13 13.01
N GPN D 1 14.23 1.10 13.77
N9 GPN D 1 10.05 -1.76 13.75
C8 GPN D 1 10.54 -2.79 14.39
N7 GPN D 1 9.77 -3.88 14.28
C5 GPN D 1 8.67 -3.45 13.57
C6 GPN D 1 7.51 -4.12 13.21
O6 GPN D 1 7.20 -5.31 13.37
N1 GPN D 1 6.60 -3.30 12.52
C2 GPN D 1 6.81 -1.97 12.26
N2 GPN D 1 5.85 -1.33 11.63
N3 GPN D 1 7.93 -1.34 12.60
C4 GPN D 1 8.82 -2.12 13.26
C8' GPN D 2 8.33 -1.24 9.26
C7' GPN D 2 8.75 -0.99 7.83
O7' GPN D 2 9.01 -1.95 7.08
C5' GPN D 2 9.43 0.46 6.03
C GPN D 2 8.39 0.73 4.95
O GPN D 2 8.79 1.02 3.81
N4' GPN D 2 8.89 0.28 7.39
C3' GPN D 2 8.51 1.46 8.17
C2' GPN D 2 9.65 2.32 8.66
N GPN D 2 10.52 1.64 9.61
N9 GPN D 2 8.23 -2.68 9.50
C8 GPN D 2 9.12 -3.46 10.07
N7 GPN D 2 8.71 -4.74 10.12
C5 GPN D 2 7.47 -4.73 9.51
C6 GPN D 2 6.56 -5.75 9.23
O6 GPN D 2 6.69 -6.97 9.45
N1 GPN D 2 5.43 -5.30 8.57
C2 GPN D 2 5.19 -3.99 8.23
N2 GPN D 2 4.05 -3.74 7.62
N3 GPN D 2 6.05 -3.01 8.50
C4 GPN D 2 7.16 -3.44 9.15
C8' CPN D 3 5.99 -2.78 4.95
C7' CPN D 3 6.28 -2.38 3.52
O7' CPN D 3 6.85 -3.14 2.76
C5' CPN D 3 6.30 -0.73 1.77
C CPN D 3 5.27 -1.05 0.70
O CPN D 3 5.59 -0.83 -0.50
N4' CPN D 3 5.94 -1.14 3.11
C3' CPN D 3 5.19 -0.18 3.94
C2' CPN D 3 6.02 1.01 4.37
N CPN D 3 7.09 0.64 5.29
N1 CPN D 3 6.32 -4.18 5.19
C2 CPN D 3 5.39 -5.16 4.88
N3 CPN D 3 5.63 -6.46 5.17
C4 CPN D 3 6.85 -6.80 5.75
C5 CPN D 3 7.80 -5.82 6.04
C6 CPN D 3 7.52 -4.52 5.76
O2 CPN D 3 4.35 -4.81 4.30
N4 CPN D 3 7.03 -8.05 6.05
C8' APN D 4 4.65 -5.12 1.08
C7' APN D 4 4.57 -4.91 -0.42
O7' APN D 4 5.36 -5.54 -1.13
C5' APN D 4 3.79 -3.66 -2.35
C APN D 4 2.61 -4.31 -3.06
O APN D 4 1.87 -5.18 -2.52
N4' APN D 4 3.76 -3.96 -0.89
C3' APN D 4 2.72 -3.27 -0.13
C2' APN D 4 3.02 -1.81 0.14
N APN D 4 4.14 -1.62 1.04
N9 APN D 4 5.48 -6.23 1.50
C8 APN D 4 6.73 -6.18 1.98
N7 APN D 4 7.19 -7.37 2.34
C5 APN D 4 6.19 -8.23 2.05
C6 APN D 4 6.00 -9.61 2.24
N6 APN D 4 6.90 -10.42 2.83
N1 APN D 4 4.85 -10.12 1.83
C2 APN D 4 3.92 -9.38 1.26
N3 APN D 4 3.97 -8.05 1.04
C4 APN D 4 5.14 -7.52 1.47
C KPN D 5 0.30 -8.78 -5.06
C1 KPN D 5 6.49 -8.09 -5.10
N1 KPN D 5 7.33 -9.00 -5.56
C2 KPN D 5 5.19 -7.96 -5.55
N2 KPN D 5 7.37 -11.95 -7.57
C3 KPN D 5 4.74 -8.89 -6.46
C4 KPN D 5 5.62 -9.87 -6.94
C5 KPN D 5 6.90 -9.95 -6.42
C6 KPN D 5 7.83 -10.91 -6.87
C7 KPN D 5 9.20 -10.88 -6.57
C8 KPN D 5 10.06 -11.83 -7.12
C9 KPN D 5 9.50 -12.92 -7.80
N KPN D 5 2.53 -3.98 -4.34
O KPN D 5 0.55 -9.10 -6.23
C10 KPN D 5 8.16 -12.84 -8.18
C2' KPN D 5 1.33 -4.43 -5.12
C3' KPN D 5 1.70 -5.62 -5.99
N4' KPN D 5 1.85 -6.83 -5.17
C5' KPN D 5 0.64 -7.40 -4.54
C7' KPN D 5 2.98 -7.38 -4.67
O7' KPN D 5 2.87 -8.30 -3.89
C8' KPN D 5 4.36 -6.85 -5.00
C8' TPN D 6 2.67 -11.32 -2.53
C7' TPN D 6 2.69 -11.80 -3.96
O7' TPN D 6 3.78 -12.01 -4.57
C5' TPN D 6 1.56 -12.37 -6.02
C TPN D 6 1.82 -13.85 -6.18
O TPN D 6 1.42 -14.67 -5.35
N4' TPN D 6 1.53 -12.01 -4.60
C3' TPN D 6 0.19 -12.05 -3.93
C2' TPN D 6 -0.74 -10.93 -4.45
N TPN D 6 -0.27 -9.59 -4.16
N1 TPN D 6 4.00 -11.24 -1.97
C6 TPN D 6 4.77 -10.07 -2.00
C2 TPN D 6 4.55 -12.43 -1.45
O2 TPN D 6 3.94 -13.48 -1.51
N3 TPN D 6 5.76 -12.30 -0.87
C4 TPN D 6 6.54 -11.17 -0.84
O4 TPN D 6 7.63 -11.21 -0.28
C5 TPN D 6 6.04 -10.02 -1.49
C5M TPN D 6 6.81 -8.74 -1.51
C8' GPN D 7 5.14 -14.95 -4.98
C7' GPN D 7 5.72 -15.51 -6.26
O7' GPN D 7 6.94 -15.42 -6.50
C5' GPN D 7 5.47 -16.51 -8.46
C GPN D 7 5.92 -17.95 -8.56
O GPN D 7 6.24 -18.42 -9.64
N4' GPN D 7 4.90 -16.09 -7.16
C3' GPN D 7 3.52 -16.43 -6.88
C2' GPN D 7 2.50 -15.65 -7.67
N GPN D 7 2.43 -14.24 -7.27
N9 GPN D 7 6.23 -14.36 -4.18
C8 GPN D 7 6.65 -13.12 -4.13
N7 GPN D 7 7.72 -12.93 -3.38
C5 GPN D 7 7.95 -14.17 -2.86
C6 GPN D 7 8.95 -14.63 -1.98
O6 GPN D 7 9.84 -13.97 -1.44
N1 GPN D 7 8.87 -16.01 -1.76
C2 GPN D 7 7.95 -16.86 -2.33
N2 GPN D 7 8.06 -18.15 -2.01
N3 GPN D 7 6.96 -16.43 -3.13
C4 GPN D 7 7.02 -15.08 -3.36
C8' CPN D 8 8.97 -17.95 -5.36
C7' CPN D 8 9.61 -18.71 -6.52
O7' CPN D 8 10.70 -18.39 -6.95
C5' CPN D 8 9.39 -20.31 -8.33
C CPN D 8 10.23 -21.56 -8.14
O CPN D 8 10.68 -22.12 -9.16
N4' CPN D 8 8.88 -19.69 -7.08
C3' CPN D 8 7.64 -20.26 -6.56
C2' CPN D 8 6.43 -20.01 -7.39
N CPN D 8 6.01 -18.65 -7.41
N1 CPN D 8 9.93 -16.99 -4.81
C2 CPN D 8 10.92 -17.49 -4.00
N3 CPN D 8 11.87 -16.63 -3.52
C4 CPN D 8 11.84 -15.32 -3.86
C5 CPN D 8 10.84 -14.82 -4.72
C6 CPN D 8 9.89 -15.67 -5.20
O2 CPN D 8 10.98 -18.70 -3.76
N4 CPN D 8 12.76 -14.52 -3.33
C8' CPN D 9 13.46 -20.49 -5.54
C7' CPN D 9 13.87 -21.19 -6.82
O7' CPN D 9 14.66 -20.63 -7.59
C5' CPN D 9 13.64 -22.97 -8.39
C CPN D 9 15.07 -23.51 -8.45
O CPN D 9 15.75 -23.78 -7.46
N4' CPN D 9 13.32 -22.38 -7.09
C3' CPN D 9 12.49 -23.17 -6.19
C2' CPN D 9 11.08 -23.32 -6.69
N CPN D 9 10.41 -22.04 -6.92
N1 CPN D 9 14.25 -19.28 -5.33
C2 CPN D 9 15.47 -19.43 -4.65
N3 CPN D 9 16.20 -18.28 -4.46
C4 CPN D 9 15.74 -17.06 -4.93
C5 CPN D 9 14.56 -16.94 -5.68
C6 CPN D 9 13.85 -18.09 -5.85
O2 CPN D 9 15.88 -20.51 -4.32
N4 CPN D 9 16.48 -16.01 -4.68
N LYS D 10 15.51 -23.68 -9.70
CA LYS D 10 16.80 -24.28 -9.98
C LYS D 10 17.90 -23.28 -9.73
C1 EDO E . -7.47 -0.16 13.56
O1 EDO E . -7.70 0.36 12.25
C2 EDO E . -7.79 -1.63 13.69
O2 EDO E . -9.19 -1.88 13.50
C1 PGR F . -23.90 14.94 16.56
C2 PGR F . -22.56 15.49 17.05
C3 PGR F . -22.76 16.50 18.16
O1 PGR F . -23.67 14.15 15.39
O2 PGR F . -21.57 14.48 17.40
C1 PGR G . -6.53 -2.96 -9.98
C2 PGR G . -7.59 -2.65 -11.01
C3 PGR G . -8.55 -3.83 -11.16
O1 PGR G . -5.69 -1.81 -9.88
O2 PGR G . -8.31 -1.49 -10.60
C1 PGR H . -3.45 19.22 4.51
C2 PGR H . -3.90 20.53 3.87
C3 PGR H . -2.66 21.28 3.28
O1 PGR H . -4.54 18.44 5.01
O2 PGR H . -4.82 20.26 2.75
C CO3 I . 29.74 -14.93 -15.61
O1 CO3 I . 28.73 -14.86 -16.56
O2 CO3 I . 30.31 -13.77 -15.13
O3 CO3 I . 30.20 -16.19 -15.22
C1 GOL J . 24.42 -15.91 -18.60
O1 GOL J . 25.35 -14.97 -19.21
C2 GOL J . 23.98 -15.18 -17.33
O2 GOL J . 22.99 -14.18 -17.70
C3 GOL J . 25.19 -14.62 -16.66
O3 GOL J . 24.82 -13.89 -15.49
C1 PGO K . 8.14 0.18 -12.72
C2 PGO K . 8.48 1.69 -12.83
C3 PGO K . 8.04 2.16 -14.20
O1 PGO K . 8.50 -0.33 -11.45
O2 PGO K . 9.90 1.85 -12.66
C CO3 L . 7.51 2.13 11.59
O1 CO3 L . 6.28 1.54 11.26
O2 CO3 L . 8.63 1.32 11.88
O3 CO3 L . 7.67 3.50 11.55
C1 PGO M . 4.44 -18.96 -4.14
C2 PGO M . 4.93 -20.27 -3.52
C3 PGO M . 3.73 -21.09 -3.02
O1 PGO M . 5.52 -18.21 -4.71
O2 PGO M . 5.79 -19.99 -2.42
C1 GOL N . 4.72 0.38 8.26
O1 GOL N . 5.65 -0.35 7.55
C2 GOL N . 3.33 -0.04 8.49
O2 GOL N . 2.46 0.39 9.55
C3 GOL N . 2.87 -1.04 7.56
O3 GOL N . 2.54 -1.23 6.28
#